data_7EG5
#
_entry.id   7EG5
#
_cell.length_a   41.509
_cell.length_b   94.801
_cell.length_c   142.075
_cell.angle_alpha   90.00
_cell.angle_beta   90.00
_cell.angle_gamma   90.00
#
_symmetry.space_group_name_H-M   'C 2 2 21'
#
loop_
_entity.id
_entity.type
_entity.pdbx_description
1 polymer 'FMN-binding protein'
2 non-polymer 'FLAVIN MONONUCLEOTIDE'
3 water water
#
_entity_poly.entity_id   1
_entity_poly.type   'polypeptide(L)'
_entity_poly.pdbx_seq_one_letter_code
;MLTKKFKETLKYEGSVSLTSWGAEKSPHVTGTWISYLQLTSDERILAPAAGMHYLEEDIKVNDTIYLMLGVREVEGKNGY
QGIGFRVSAKAKLISNGPEFEMMKEKYPFLRAVLELTPVEVEQLL
;
_entity_poly.pdbx_strand_id   A,B
#
# COMPACT_ATOMS: atom_id res chain seq x y z
N MET A 1 -0.43 21.60 3.43
CA MET A 1 0.20 20.28 3.11
C MET A 1 -0.90 19.21 2.98
N LEU A 2 -1.80 19.03 3.95
CA LEU A 2 -2.91 18.03 3.84
C LEU A 2 -4.20 18.70 3.37
N THR A 3 -4.66 18.33 2.19
CA THR A 3 -5.81 18.98 1.50
C THR A 3 -7.13 18.51 2.09
N LYS A 4 -8.17 19.25 1.76
CA LYS A 4 -9.60 18.91 1.99
C LYS A 4 -9.84 17.47 1.49
N LYS A 5 -9.34 17.13 0.30
CA LYS A 5 -9.60 15.78 -0.29
C LYS A 5 -8.91 14.69 0.54
N PHE A 6 -7.73 14.97 1.03
CA PHE A 6 -6.95 13.97 1.82
C PHE A 6 -7.73 13.72 3.11
N LYS A 7 -8.14 14.80 3.78
CA LYS A 7 -8.93 14.75 5.03
C LYS A 7 -10.23 14.03 4.78
N GLU A 8 -10.90 14.25 3.65
CA GLU A 8 -12.13 13.53 3.26
C GLU A 8 -11.93 12.00 3.16
N THR A 9 -10.78 11.54 2.68
CA THR A 9 -10.44 10.10 2.53
C THR A 9 -10.37 9.43 3.90
N LEU A 10 -9.89 10.16 4.93
CA LEU A 10 -9.66 9.61 6.29
C LEU A 10 -10.99 9.27 7.00
N LYS A 11 -12.16 9.56 6.41
CA LYS A 11 -13.50 9.16 6.96
C LYS A 11 -13.79 7.69 6.64
N TYR A 12 -13.15 7.17 5.60
CA TYR A 12 -13.43 5.81 5.06
C TYR A 12 -12.45 4.80 5.64
N GLU A 13 -12.65 3.55 5.29
CA GLU A 13 -11.75 2.45 5.72
C GLU A 13 -10.99 1.98 4.48
N GLY A 14 -9.76 1.58 4.70
CA GLY A 14 -8.95 0.86 3.70
C GLY A 14 -7.56 0.57 4.23
N SER A 15 -6.79 -0.11 3.38
CA SER A 15 -5.41 -0.56 3.64
C SER A 15 -4.51 0.64 3.44
N VAL A 16 -3.62 0.86 4.38
CA VAL A 16 -2.58 1.88 4.26
C VAL A 16 -1.28 1.10 4.16
N SER A 17 -0.48 1.39 3.15
CA SER A 17 0.86 0.77 3.06
C SER A 17 1.91 1.80 3.52
N LEU A 18 2.92 1.33 4.22
CA LEU A 18 4.07 2.13 4.66
C LEU A 18 5.36 1.48 4.18
N THR A 19 6.07 2.13 3.27
CA THR A 19 7.31 1.60 2.66
C THR A 19 8.50 2.26 3.37
N SER A 20 9.40 1.46 3.95
CA SER A 20 10.61 1.97 4.64
C SER A 20 11.86 1.27 4.08
N TRP A 21 13.04 1.85 4.27
CA TRP A 21 14.29 1.26 3.73
C TRP A 21 15.50 1.81 4.48
N GLY A 22 16.61 1.05 4.49
CA GLY A 22 17.92 1.49 5.00
C GLY A 22 18.57 0.46 5.90
N ALA A 23 17.82 -0.21 6.76
CA ALA A 23 18.33 -1.16 7.78
C ALA A 23 19.04 -2.29 7.05
N GLU A 24 18.83 -2.35 5.74
CA GLU A 24 19.80 -2.98 4.82
C GLU A 24 19.01 -3.94 3.96
N LYS A 25 19.24 -3.76 2.66
CA LYS A 25 19.21 -4.73 1.55
C LYS A 25 18.07 -4.27 0.64
N SER A 26 16.87 -4.73 0.96
CA SER A 26 15.64 -4.43 0.19
C SER A 26 14.76 -3.58 1.10
N PRO A 27 13.81 -2.80 0.54
CA PRO A 27 12.80 -2.14 1.38
C PRO A 27 11.90 -3.07 2.20
N HIS A 28 11.18 -2.51 3.19
CA HIS A 28 10.06 -3.20 3.90
C HIS A 28 8.73 -2.46 3.63
N VAL A 29 7.67 -3.25 3.58
CA VAL A 29 6.27 -2.76 3.48
C VAL A 29 5.51 -3.33 4.66
N THR A 30 4.88 -2.41 5.37
CA THR A 30 4.11 -2.60 6.61
C THR A 30 2.72 -1.99 6.37
N GLY A 31 1.70 -2.52 6.99
CA GLY A 31 0.33 -2.02 6.80
C GLY A 31 -0.27 -1.42 8.06
N THR A 32 -1.26 -0.57 7.86
CA THR A 32 -2.27 -0.17 8.87
C THR A 32 -3.61 0.06 8.16
N TRP A 33 -4.59 0.57 8.90
CA TRP A 33 -5.94 0.89 8.41
C TRP A 33 -6.10 2.41 8.36
N ILE A 34 -6.86 2.91 7.41
CA ILE A 34 -7.17 4.36 7.38
C ILE A 34 -7.84 4.72 8.72
N SER A 35 -8.68 3.83 9.26
CA SER A 35 -9.47 4.10 10.50
C SER A 35 -8.55 4.18 11.73
N TYR A 36 -7.28 3.75 11.66
CA TYR A 36 -6.32 3.89 12.79
C TYR A 36 -5.51 5.18 12.66
N LEU A 37 -5.68 5.95 11.59
CA LEU A 37 -4.87 7.18 11.41
C LEU A 37 -5.50 8.35 12.18
N GLN A 38 -4.67 9.15 12.83
CA GLN A 38 -5.14 10.35 13.55
C GLN A 38 -4.29 11.52 13.14
N LEU A 39 -4.94 12.62 12.78
CA LEU A 39 -4.27 13.87 12.38
C LEU A 39 -4.07 14.75 13.60
N THR A 40 -2.93 15.42 13.71
CA THR A 40 -2.68 16.40 14.79
C THR A 40 -2.88 17.81 14.23
N SER A 41 -2.90 18.81 15.10
CA SER A 41 -3.20 20.21 14.72
C SER A 41 -2.13 20.71 13.76
N ASP A 42 -0.89 20.26 13.94
CA ASP A 42 0.24 20.61 13.07
C ASP A 42 0.36 19.61 11.90
N GLU A 43 -0.65 18.79 11.66
CA GLU A 43 -0.78 17.90 10.46
C GLU A 43 0.28 16.81 10.44
N ARG A 44 0.75 16.36 11.60
CA ARG A 44 1.40 15.04 11.73
C ARG A 44 0.29 14.00 11.61
N ILE A 45 0.64 12.81 11.13
CA ILE A 45 -0.26 11.64 11.02
C ILE A 45 0.27 10.62 12.04
N LEU A 46 -0.55 10.20 12.97
CA LEU A 46 -0.17 9.19 13.98
C LEU A 46 -0.83 7.87 13.67
N ALA A 47 -0.11 6.77 13.89
CA ALA A 47 -0.69 5.42 13.76
C ALA A 47 -0.20 4.57 14.93
N PRO A 48 -1.04 3.60 15.36
CA PRO A 48 -0.65 2.65 16.38
C PRO A 48 0.32 1.62 15.81
N ALA A 49 1.45 1.46 16.47
CA ALA A 49 2.45 0.45 16.12
C ALA A 49 2.32 -0.72 17.10
N ALA A 50 1.74 -1.84 16.67
CA ALA A 50 1.72 -3.09 17.49
C ALA A 50 2.98 -3.87 17.15
N GLY A 51 3.17 -4.13 15.86
CA GLY A 51 4.41 -4.71 15.30
C GLY A 51 5.32 -3.61 14.78
N MET A 52 5.48 -3.58 13.46
CA MET A 52 6.29 -2.61 12.69
C MET A 52 7.75 -2.74 13.10
N HIS A 53 8.21 -3.94 13.45
CA HIS A 53 9.60 -4.16 13.93
C HIS A 53 10.60 -3.82 12.82
N TYR A 54 10.35 -4.17 11.56
CA TYR A 54 11.30 -3.93 10.43
C TYR A 54 11.30 -2.44 10.01
N LEU A 55 10.14 -1.79 10.02
CA LEU A 55 10.07 -0.32 9.80
C LEU A 55 10.89 0.36 10.91
N GLU A 56 10.73 -0.13 12.14
CA GLU A 56 11.44 0.46 13.31
C GLU A 56 12.95 0.47 13.01
N GLU A 57 13.50 -0.63 12.49
CA GLU A 57 14.95 -0.79 12.18
C GLU A 57 15.34 0.08 11.00
N ASP A 58 14.47 0.21 9.99
CA ASP A 58 14.72 1.09 8.83
C ASP A 58 14.85 2.54 9.29
N ILE A 59 13.94 3.03 10.13
CA ILE A 59 13.85 4.51 10.34
C ILE A 59 15.02 4.98 11.22
N LYS A 60 15.65 4.07 11.97
CA LYS A 60 16.89 4.39 12.76
C LYS A 60 17.98 4.84 11.80
N VAL A 61 17.95 4.33 10.57
CA VAL A 61 18.97 4.58 9.50
C VAL A 61 18.47 5.65 8.54
N ASN A 62 17.21 5.53 8.09
CA ASN A 62 16.64 6.46 7.09
C ASN A 62 15.22 6.74 7.56
N ASP A 63 14.96 7.95 8.04
CA ASP A 63 13.68 8.27 8.70
C ASP A 63 12.62 8.67 7.66
N THR A 64 12.92 8.66 6.35
CA THR A 64 11.90 8.89 5.29
C THR A 64 11.12 7.60 4.97
N ILE A 65 9.79 7.69 4.95
CA ILE A 65 8.88 6.57 4.53
C ILE A 65 7.84 7.10 3.53
N TYR A 66 7.23 6.18 2.77
CA TYR A 66 6.15 6.43 1.80
C TYR A 66 4.88 5.74 2.32
N LEU A 67 3.85 6.53 2.55
CA LEU A 67 2.50 6.05 2.93
C LEU A 67 1.66 6.10 1.67
N MET A 68 0.95 5.03 1.35
CA MET A 68 0.03 5.04 0.21
C MET A 68 -1.35 4.61 0.70
N LEU A 69 -2.39 5.30 0.25
CA LEU A 69 -3.78 4.92 0.54
C LEU A 69 -4.68 5.39 -0.60
N GLY A 70 -5.86 4.79 -0.67
CA GLY A 70 -6.87 5.20 -1.65
C GLY A 70 -8.23 4.68 -1.27
N VAL A 71 -9.29 5.37 -1.66
CA VAL A 71 -10.67 4.89 -1.39
C VAL A 71 -11.47 5.14 -2.66
N ARG A 72 -12.31 4.18 -3.02
CA ARG A 72 -13.20 4.30 -4.21
C ARG A 72 -14.25 5.38 -3.97
N GLU A 73 -14.61 5.68 -2.71
CA GLU A 73 -15.86 6.45 -2.45
C GLU A 73 -15.60 7.93 -2.67
N VAL A 74 -14.36 8.37 -2.84
CA VAL A 74 -14.07 9.82 -2.97
C VAL A 74 -13.82 10.09 -4.46
N GLU A 75 -14.39 11.18 -4.97
CA GLU A 75 -14.13 11.62 -6.37
C GLU A 75 -12.70 12.16 -6.50
N GLY A 76 -11.95 11.61 -7.45
CA GLY A 76 -10.60 12.09 -7.80
C GLY A 76 -10.66 13.19 -8.85
N LYS A 77 -9.60 13.27 -9.65
CA LYS A 77 -9.44 14.30 -10.70
C LYS A 77 -10.25 13.88 -11.93
N ASN A 78 -10.81 14.89 -12.59
CA ASN A 78 -11.41 14.72 -13.92
C ASN A 78 -12.69 13.93 -13.70
N GLY A 79 -12.97 12.98 -14.58
CA GLY A 79 -14.18 12.13 -14.44
C GLY A 79 -13.89 10.84 -13.69
N TYR A 80 -13.27 10.89 -12.49
CA TYR A 80 -12.74 9.63 -11.92
C TYR A 80 -13.36 9.29 -10.55
N GLN A 81 -13.86 8.06 -10.43
CA GLN A 81 -14.45 7.56 -9.16
C GLN A 81 -13.32 6.89 -8.37
N GLY A 82 -12.79 7.60 -7.39
CA GLY A 82 -11.70 7.03 -6.58
C GLY A 82 -10.54 7.98 -6.47
N ILE A 83 -9.76 7.82 -5.42
CA ILE A 83 -8.71 8.77 -5.10
C ILE A 83 -7.64 7.98 -4.38
N GLY A 84 -6.41 8.40 -4.60
CA GLY A 84 -5.24 7.81 -3.96
C GLY A 84 -4.26 8.88 -3.65
N PHE A 85 -3.50 8.64 -2.60
CA PHE A 85 -2.44 9.55 -2.18
C PHE A 85 -1.16 8.77 -1.95
N ARG A 86 -0.05 9.41 -2.29
CA ARG A 86 1.28 9.01 -1.76
C ARG A 86 1.84 10.15 -0.95
N VAL A 87 2.18 9.86 0.30
CA VAL A 87 2.69 10.85 1.27
C VAL A 87 4.12 10.42 1.59
N SER A 88 5.06 11.31 1.36
CA SER A 88 6.43 11.21 1.88
C SER A 88 6.46 11.86 3.27
N ALA A 89 7.03 11.16 4.25
CA ALA A 89 6.98 11.60 5.67
C ALA A 89 8.30 11.26 6.37
N LYS A 90 8.69 12.12 7.33
CA LYS A 90 9.72 11.79 8.33
C LYS A 90 9.04 10.98 9.43
N ALA A 91 9.62 9.83 9.81
CA ALA A 91 8.98 8.92 10.76
C ALA A 91 9.74 8.89 12.09
N LYS A 92 8.99 8.69 13.18
CA LYS A 92 9.55 8.58 14.54
C LYS A 92 8.58 7.67 15.30
N LEU A 93 9.09 6.77 16.14
CA LEU A 93 8.28 5.97 17.09
C LEU A 93 8.31 6.64 18.46
N ILE A 94 7.13 6.87 19.04
CA ILE A 94 6.89 7.61 20.31
C ILE A 94 6.42 6.56 21.31
N SER A 95 6.99 6.54 22.52
CA SER A 95 6.76 5.52 23.58
C SER A 95 5.99 6.08 24.79
N ASN A 96 5.80 7.39 24.87
CA ASN A 96 5.07 8.02 25.99
C ASN A 96 4.73 9.47 25.61
N GLY A 97 4.11 10.19 26.53
CA GLY A 97 3.64 11.57 26.35
C GLY A 97 2.15 11.56 26.15
N PRO A 98 1.57 12.75 25.88
CA PRO A 98 0.12 12.88 25.81
C PRO A 98 -0.45 12.21 24.56
N GLU A 99 0.26 12.30 23.43
CA GLU A 99 -0.23 11.67 22.17
C GLU A 99 -0.19 10.15 22.31
N PHE A 100 0.87 9.57 22.84
CA PHE A 100 0.91 8.12 23.16
C PHE A 100 -0.37 7.76 23.93
N GLU A 101 -0.64 8.54 24.98
CA GLU A 101 -1.74 8.28 25.94
C GLU A 101 -3.05 8.29 25.19
N MET A 102 -3.29 9.30 24.35
CA MET A 102 -4.55 9.44 23.58
C MET A 102 -4.65 8.27 22.56
N MET A 103 -3.56 7.91 21.91
CA MET A 103 -3.63 6.79 20.91
C MET A 103 -3.87 5.46 21.66
N LYS A 104 -3.21 5.28 22.82
CA LYS A 104 -3.33 4.02 23.63
C LYS A 104 -4.78 3.84 24.10
N GLU A 105 -5.46 4.92 24.48
CA GLU A 105 -6.90 4.89 24.84
C GLU A 105 -7.72 4.38 23.65
N LYS A 106 -7.40 4.85 22.43
CA LYS A 106 -8.21 4.50 21.22
C LYS A 106 -7.79 3.12 20.70
N TYR A 107 -6.50 2.77 20.81
CA TYR A 107 -5.85 1.59 20.21
C TYR A 107 -5.06 0.83 21.29
N PRO A 108 -5.75 0.18 22.25
CA PRO A 108 -5.07 -0.37 23.43
C PRO A 108 -4.03 -1.44 23.11
N PHE A 109 -4.05 -1.99 21.89
CA PHE A 109 -3.07 -3.01 21.41
C PHE A 109 -1.70 -2.39 21.07
N LEU A 110 -1.55 -1.07 20.97
CA LEU A 110 -0.25 -0.54 20.50
C LEU A 110 0.83 -0.74 21.58
N ARG A 111 2.07 -0.85 21.14
CA ARG A 111 3.26 -0.74 22.01
C ARG A 111 3.87 0.65 21.83
N ALA A 112 3.64 1.32 20.70
CA ALA A 112 4.31 2.59 20.37
C ALA A 112 3.43 3.32 19.36
N VAL A 113 3.70 4.60 19.13
CA VAL A 113 2.91 5.39 18.13
C VAL A 113 3.87 5.74 17.01
N LEU A 114 3.48 5.47 15.76
CA LEU A 114 4.23 5.90 14.59
C LEU A 114 3.78 7.34 14.31
N GLU A 115 4.73 8.25 14.33
CA GLU A 115 4.49 9.70 14.07
C GLU A 115 5.11 10.03 12.73
N LEU A 116 4.28 10.51 11.81
CA LEU A 116 4.68 10.84 10.42
C LEU A 116 4.57 12.36 10.25
N THR A 117 5.67 13.01 9.92
CA THR A 117 5.69 14.42 9.50
C THR A 117 5.69 14.48 7.97
N PRO A 118 4.57 14.84 7.34
CA PRO A 118 4.47 14.90 5.87
C PRO A 118 5.41 15.94 5.27
N VAL A 119 6.22 15.52 4.30
CA VAL A 119 7.14 16.42 3.57
C VAL A 119 6.63 16.62 2.13
N GLU A 120 5.85 15.67 1.60
CA GLU A 120 5.21 15.79 0.27
C GLU A 120 3.95 14.92 0.22
N VAL A 121 2.92 15.44 -0.43
CA VAL A 121 1.62 14.77 -0.59
C VAL A 121 1.32 14.83 -2.08
N GLU A 122 1.12 13.67 -2.71
CA GLU A 122 0.78 13.63 -4.15
C GLU A 122 -0.58 12.98 -4.27
N GLN A 123 -1.54 13.68 -4.86
CA GLN A 123 -2.82 13.05 -5.26
C GLN A 123 -2.59 12.28 -6.56
N LEU A 124 -2.83 10.97 -6.57
CA LEU A 124 -2.45 10.08 -7.72
C LEU A 124 -3.63 9.77 -8.65
N LEU A 125 -4.85 10.12 -8.27
CA LEU A 125 -6.04 9.96 -9.15
C LEU A 125 -7.00 11.14 -8.92
N MET B 1 -0.11 -21.81 -3.69
CA MET B 1 0.62 -20.49 -3.46
C MET B 1 -0.38 -19.43 -2.98
N LEU B 2 -1.48 -19.25 -3.70
CA LEU B 2 -2.55 -18.28 -3.37
C LEU B 2 -3.66 -19.04 -2.64
N THR B 3 -3.81 -18.77 -1.33
CA THR B 3 -4.78 -19.45 -0.45
C THR B 3 -6.20 -19.09 -0.85
N LYS B 4 -7.17 -19.75 -0.24
CA LYS B 4 -8.63 -19.48 -0.40
C LYS B 4 -8.92 -18.08 0.15
N LYS B 5 -8.26 -17.69 1.23
CA LYS B 5 -8.47 -16.38 1.90
C LYS B 5 -7.96 -15.28 0.97
N PHE B 6 -6.79 -15.47 0.37
CA PHE B 6 -6.24 -14.50 -0.61
C PHE B 6 -7.24 -14.31 -1.74
N LYS B 7 -7.72 -15.43 -2.29
CA LYS B 7 -8.72 -15.45 -3.37
C LYS B 7 -10.00 -14.75 -2.91
N GLU B 8 -10.49 -15.02 -1.71
CA GLU B 8 -11.70 -14.36 -1.14
C GLU B 8 -11.52 -12.81 -1.11
N THR B 9 -10.34 -12.34 -0.74
CA THR B 9 -10.01 -10.88 -0.63
C THR B 9 -10.20 -10.21 -1.98
N LEU B 10 -9.90 -10.94 -3.05
CA LEU B 10 -9.94 -10.40 -4.43
C LEU B 10 -11.38 -10.16 -4.87
N LYS B 11 -12.39 -10.51 -4.06
CA LYS B 11 -13.82 -10.25 -4.40
C LYS B 11 -14.29 -8.89 -3.87
N TYR B 12 -13.47 -8.21 -3.07
CA TYR B 12 -13.79 -6.91 -2.44
C TYR B 12 -12.99 -5.81 -3.15
N GLU B 13 -13.13 -4.59 -2.66
CA GLU B 13 -12.43 -3.43 -3.26
C GLU B 13 -11.45 -2.90 -2.22
N GLY B 14 -10.34 -2.33 -2.66
CA GLY B 14 -9.36 -1.68 -1.76
C GLY B 14 -8.17 -1.21 -2.57
N SER B 15 -7.37 -0.35 -1.95
CA SER B 15 -6.06 0.11 -2.43
C SER B 15 -5.07 -1.05 -2.46
N VAL B 16 -4.32 -1.21 -3.55
CA VAL B 16 -3.14 -2.13 -3.65
C VAL B 16 -1.91 -1.27 -3.83
N SER B 17 -0.92 -1.49 -2.98
CA SER B 17 0.37 -0.80 -3.00
C SER B 17 1.34 -1.71 -3.76
N LEU B 18 2.17 -1.16 -4.63
CA LEU B 18 3.25 -1.92 -5.35
C LEU B 18 4.57 -1.20 -5.05
N THR B 19 5.40 -1.82 -4.22
CA THR B 19 6.73 -1.27 -3.88
C THR B 19 7.79 -1.87 -4.81
N SER B 20 8.54 -1.01 -5.51
CA SER B 20 9.64 -1.39 -6.44
C SER B 20 10.93 -0.67 -6.02
N TRP B 21 12.09 -1.17 -6.46
CA TRP B 21 13.38 -0.50 -6.16
C TRP B 21 14.51 -0.94 -7.10
N GLY B 22 15.52 -0.09 -7.28
CA GLY B 22 16.80 -0.43 -7.94
C GLY B 22 17.26 0.63 -8.92
N ALA B 23 16.35 1.39 -9.52
CA ALA B 23 16.73 2.42 -10.52
C ALA B 23 17.20 3.70 -9.82
N GLU B 24 16.85 3.92 -8.54
CA GLU B 24 17.23 5.16 -7.80
C GLU B 24 17.74 4.75 -6.43
N LYS B 25 18.22 5.68 -5.59
CA LYS B 25 18.65 5.38 -4.20
C LYS B 25 17.44 4.99 -3.33
N SER B 26 16.28 5.57 -3.56
CA SER B 26 15.07 5.24 -2.76
C SER B 26 14.11 4.41 -3.61
N PRO B 27 13.25 3.60 -2.94
CA PRO B 27 12.25 2.81 -3.65
C PRO B 27 11.12 3.69 -4.20
N HIS B 28 10.18 3.07 -4.91
CA HIS B 28 8.96 3.75 -5.41
C HIS B 28 7.74 2.97 -4.95
N VAL B 29 6.63 3.66 -4.77
CA VAL B 29 5.32 3.01 -4.49
C VAL B 29 4.33 3.52 -5.54
N THR B 30 3.66 2.56 -6.17
CA THR B 30 2.64 2.69 -7.23
C THR B 30 1.37 1.97 -6.73
N GLY B 31 0.21 2.51 -7.09
CA GLY B 31 -1.07 1.93 -6.66
C GLY B 31 -1.81 1.25 -7.78
N THR B 32 -2.73 0.37 -7.39
CA THR B 32 -3.86 -0.10 -8.22
C THR B 32 -5.01 -0.44 -7.28
N TRP B 33 -6.10 -0.99 -7.82
CA TRP B 33 -7.33 -1.31 -7.06
C TRP B 33 -7.45 -2.83 -7.03
N ILE B 34 -7.87 -3.40 -5.92
CA ILE B 34 -8.15 -4.87 -5.87
C ILE B 34 -9.07 -5.25 -7.05
N SER B 35 -10.04 -4.41 -7.41
CA SER B 35 -11.05 -4.74 -8.45
C SER B 35 -10.40 -4.72 -9.84
N TYR B 36 -9.21 -4.13 -10.01
CA TYR B 36 -8.44 -4.17 -11.30
C TYR B 36 -7.57 -5.44 -11.39
N LEU B 37 -7.38 -6.20 -10.30
CA LEU B 37 -6.52 -7.43 -10.33
C LEU B 37 -7.28 -8.56 -11.03
N GLN B 38 -6.59 -9.34 -11.85
CA GLN B 38 -7.16 -10.54 -12.49
C GLN B 38 -6.20 -11.69 -12.21
N LEU B 39 -6.74 -12.78 -11.68
CA LEU B 39 -6.00 -14.02 -11.35
C LEU B 39 -5.96 -14.93 -12.57
N THR B 40 -4.80 -15.44 -12.96
CA THR B 40 -4.73 -16.41 -14.10
C THR B 40 -4.86 -17.84 -13.57
N SER B 41 -5.02 -18.83 -14.46
CA SER B 41 -5.14 -20.25 -14.06
C SER B 41 -3.85 -20.75 -13.38
N ASP B 42 -2.68 -20.25 -13.79
CA ASP B 42 -1.37 -20.57 -13.14
C ASP B 42 -1.08 -19.58 -11.98
N GLU B 43 -2.09 -18.85 -11.50
CA GLU B 43 -2.05 -17.92 -10.33
C GLU B 43 -1.01 -16.83 -10.51
N ARG B 44 -0.86 -16.32 -11.72
CA ARG B 44 -0.21 -15.01 -11.94
C ARG B 44 -1.24 -13.94 -11.61
N ILE B 45 -0.78 -12.76 -11.21
CA ILE B 45 -1.69 -11.63 -10.89
C ILE B 45 -1.46 -10.58 -11.98
N LEU B 46 -2.49 -10.20 -12.69
CA LEU B 46 -2.37 -9.18 -13.75
C LEU B 46 -3.03 -7.89 -13.29
N ALA B 47 -2.43 -6.75 -13.65
CA ALA B 47 -3.03 -5.42 -13.41
C ALA B 47 -2.82 -4.53 -14.62
N PRO B 48 -3.75 -3.61 -14.91
CA PRO B 48 -3.56 -2.62 -15.96
C PRO B 48 -2.49 -1.62 -15.55
N ALA B 49 -1.48 -1.38 -16.39
CA ALA B 49 -0.47 -0.34 -16.17
C ALA B 49 -0.82 0.86 -17.08
N ALA B 50 -1.12 2.00 -16.46
CA ALA B 50 -1.38 3.26 -17.21
C ALA B 50 -0.07 4.06 -17.27
N GLY B 51 0.40 4.55 -16.12
CA GLY B 51 1.70 5.24 -16.00
C GLY B 51 2.78 4.26 -15.60
N MET B 52 2.93 4.04 -14.29
CA MET B 52 3.91 3.07 -13.70
C MET B 52 5.30 3.24 -14.34
N HIS B 53 5.72 4.49 -14.58
CA HIS B 53 7.03 4.83 -15.18
C HIS B 53 8.14 4.37 -14.24
N TYR B 54 8.04 4.77 -12.98
CA TYR B 54 9.09 4.49 -11.99
C TYR B 54 9.20 2.98 -11.80
N LEU B 55 8.07 2.29 -11.73
CA LEU B 55 8.09 0.84 -11.41
C LEU B 55 8.75 0.12 -12.60
N GLU B 56 8.44 0.56 -13.81
CA GLU B 56 9.09 -0.01 -15.02
C GLU B 56 10.61 0.15 -14.95
N GLU B 57 11.11 1.31 -14.51
CA GLU B 57 12.57 1.57 -14.51
C GLU B 57 13.19 0.71 -13.42
N ASP B 58 12.54 0.61 -12.27
CA ASP B 58 13.00 -0.27 -11.16
C ASP B 58 13.12 -1.70 -11.66
N ILE B 59 12.13 -2.22 -12.37
CA ILE B 59 12.10 -3.70 -12.62
C ILE B 59 13.04 -4.06 -13.78
N LYS B 60 13.46 -3.10 -14.60
CA LYS B 60 14.63 -3.30 -15.52
C LYS B 60 15.87 -3.63 -14.69
N VAL B 61 15.98 -3.18 -13.44
CA VAL B 61 17.16 -3.44 -12.56
C VAL B 61 16.88 -4.61 -11.62
N ASN B 62 15.69 -4.64 -11.00
CA ASN B 62 15.34 -5.65 -9.98
C ASN B 62 13.87 -5.95 -10.20
N ASP B 63 13.56 -7.15 -10.69
CA ASP B 63 12.21 -7.49 -11.17
C ASP B 63 11.34 -7.95 -9.99
N THR B 64 11.86 -7.92 -8.76
CA THR B 64 11.10 -8.25 -7.53
C THR B 64 10.35 -6.99 -7.05
N ILE B 65 9.05 -7.13 -6.83
CA ILE B 65 8.22 -6.09 -6.18
C ILE B 65 7.50 -6.69 -4.97
N TYR B 66 7.03 -5.81 -4.07
CA TYR B 66 6.14 -6.15 -2.96
C TYR B 66 4.75 -5.58 -3.25
N LEU B 67 3.72 -6.41 -3.19
CA LEU B 67 2.30 -6.01 -3.28
C LEU B 67 1.72 -6.07 -1.87
N MET B 68 0.95 -5.09 -1.48
CA MET B 68 0.28 -5.16 -0.16
C MET B 68 -1.19 -4.79 -0.36
N LEU B 69 -2.07 -5.52 0.30
CA LEU B 69 -3.53 -5.24 0.19
C LEU B 69 -4.19 -5.75 1.47
N GLY B 70 -5.40 -5.27 1.74
CA GLY B 70 -6.13 -5.68 2.95
C GLY B 70 -7.56 -5.26 2.83
N VAL B 71 -8.47 -6.01 3.42
CA VAL B 71 -9.92 -5.70 3.37
C VAL B 71 -10.53 -6.02 4.74
N ARG B 72 -11.49 -5.22 5.14
CA ARG B 72 -12.22 -5.42 6.43
C ARG B 72 -13.18 -6.61 6.34
N GLU B 73 -13.70 -6.93 5.16
CA GLU B 73 -14.84 -7.87 4.97
C GLU B 73 -14.40 -9.33 4.99
N VAL B 74 -13.12 -9.59 5.18
CA VAL B 74 -12.67 -11.00 5.23
C VAL B 74 -12.04 -11.21 6.59
N GLU B 75 -12.39 -12.33 7.20
CA GLU B 75 -12.03 -12.69 8.59
C GLU B 75 -10.58 -13.16 8.57
N GLY B 76 -9.75 -12.57 9.42
CA GLY B 76 -8.30 -12.83 9.49
C GLY B 76 -8.01 -13.98 10.42
N LYS B 77 -6.80 -14.06 10.95
CA LYS B 77 -6.40 -15.02 12.02
C LYS B 77 -7.22 -14.72 13.28
N ASN B 78 -7.73 -15.76 13.93
CA ASN B 78 -8.34 -15.68 15.28
C ASN B 78 -9.59 -14.82 15.19
N GLY B 79 -10.33 -14.94 14.09
CA GLY B 79 -11.67 -14.31 13.91
C GLY B 79 -11.61 -12.80 13.79
N TYR B 80 -10.45 -12.18 14.05
CA TYR B 80 -10.18 -10.73 13.77
C TYR B 80 -10.93 -10.37 12.47
N GLN B 81 -11.77 -9.33 12.52
CA GLN B 81 -12.50 -8.82 11.32
C GLN B 81 -11.50 -8.00 10.52
N GLY B 82 -11.01 -8.53 9.40
CA GLY B 82 -9.98 -7.85 8.58
C GLY B 82 -8.80 -8.75 8.30
N ILE B 83 -8.22 -8.59 7.11
CA ILE B 83 -7.11 -9.45 6.63
C ILE B 83 -6.21 -8.56 5.79
N GLY B 84 -4.92 -8.81 5.83
CA GLY B 84 -3.95 -8.19 4.94
C GLY B 84 -2.98 -9.20 4.41
N PHE B 85 -2.34 -8.86 3.28
CA PHE B 85 -1.33 -9.74 2.66
C PHE B 85 -0.20 -8.88 2.15
N ARG B 86 1.01 -9.41 2.31
CA ARG B 86 2.23 -8.92 1.64
C ARG B 86 2.65 -10.02 0.66
N VAL B 87 2.65 -9.70 -0.62
CA VAL B 87 3.06 -10.65 -1.69
C VAL B 87 4.36 -10.18 -2.34
N SER B 88 5.36 -11.04 -2.32
CA SER B 88 6.61 -10.83 -3.08
C SER B 88 6.40 -11.45 -4.46
N ALA B 89 6.66 -10.72 -5.56
CA ALA B 89 6.38 -11.23 -6.92
C ALA B 89 7.49 -10.80 -7.85
N LYS B 90 7.68 -11.59 -8.92
CA LYS B 90 8.52 -11.15 -10.06
C LYS B 90 7.60 -10.41 -11.01
N ALA B 91 8.04 -9.27 -11.51
CA ALA B 91 7.22 -8.34 -12.30
C ALA B 91 7.77 -8.31 -13.72
N LYS B 92 6.88 -8.37 -14.70
CA LYS B 92 7.23 -8.00 -16.08
C LYS B 92 6.03 -7.25 -16.65
N LEU B 93 6.27 -6.45 -17.67
CA LEU B 93 5.19 -5.70 -18.33
C LEU B 93 4.99 -6.35 -19.69
N ILE B 94 3.73 -6.63 -20.02
CA ILE B 94 3.25 -7.34 -21.24
C ILE B 94 2.53 -6.30 -22.10
N SER B 95 2.91 -6.21 -23.37
CA SER B 95 2.40 -5.19 -24.32
C SER B 95 1.61 -5.82 -25.47
N ASN B 96 1.42 -7.14 -25.50
CA ASN B 96 0.65 -7.81 -26.57
C ASN B 96 0.29 -9.23 -26.15
N GLY B 97 -0.64 -9.85 -26.87
CA GLY B 97 -1.06 -11.25 -26.67
C GLY B 97 -2.48 -11.30 -26.18
N PRO B 98 -3.01 -12.52 -25.95
CA PRO B 98 -4.41 -12.68 -25.57
C PRO B 98 -4.79 -12.11 -24.19
N GLU B 99 -3.86 -12.15 -23.23
CA GLU B 99 -4.11 -11.60 -21.87
C GLU B 99 -4.15 -10.08 -21.92
N PHE B 100 -3.21 -9.49 -22.65
CA PHE B 100 -3.19 -8.03 -22.97
C PHE B 100 -4.50 -7.65 -23.63
N GLU B 101 -4.89 -8.35 -24.70
CA GLU B 101 -6.19 -8.09 -25.38
C GLU B 101 -7.33 -8.17 -24.37
N MET B 102 -7.37 -9.22 -23.51
CA MET B 102 -8.43 -9.42 -22.48
C MET B 102 -8.41 -8.26 -21.46
N MET B 103 -7.24 -7.77 -21.07
CA MET B 103 -7.18 -6.68 -20.05
C MET B 103 -7.48 -5.33 -20.74
N LYS B 104 -6.95 -5.13 -21.94
CA LYS B 104 -7.16 -3.86 -22.72
C LYS B 104 -8.66 -3.60 -22.84
N GLU B 105 -9.47 -4.65 -22.95
CA GLU B 105 -10.94 -4.57 -23.11
C GLU B 105 -11.59 -4.08 -21.82
N LYS B 106 -11.13 -4.57 -20.68
CA LYS B 106 -11.70 -4.23 -19.35
C LYS B 106 -11.21 -2.85 -18.92
N TYR B 107 -10.02 -2.44 -19.37
CA TYR B 107 -9.23 -1.28 -18.87
C TYR B 107 -8.66 -0.56 -20.08
N PRO B 108 -9.52 0.16 -20.86
CA PRO B 108 -9.08 0.78 -22.12
C PRO B 108 -7.92 1.78 -21.99
N PHE B 109 -7.70 2.28 -20.77
CA PHE B 109 -6.67 3.29 -20.42
C PHE B 109 -5.26 2.68 -20.37
N LEU B 110 -5.11 1.35 -20.43
CA LEU B 110 -3.77 0.74 -20.15
C LEU B 110 -2.85 0.86 -21.36
N ARG B 111 -1.55 1.03 -21.12
CA ARG B 111 -0.44 0.95 -22.11
C ARG B 111 0.22 -0.45 -22.04
N ALA B 112 0.11 -1.13 -20.91
CA ALA B 112 0.73 -2.46 -20.77
C ALA B 112 -0.02 -3.21 -19.66
N VAL B 113 0.18 -4.52 -19.60
CA VAL B 113 -0.25 -5.33 -18.42
C VAL B 113 0.97 -5.56 -17.54
N LEU B 114 0.80 -5.28 -16.26
CA LEU B 114 1.77 -5.68 -15.23
C LEU B 114 1.42 -7.12 -14.91
N GLU B 115 2.39 -8.02 -15.09
CA GLU B 115 2.24 -9.45 -14.79
C GLU B 115 3.10 -9.75 -13.57
N LEU B 116 2.46 -10.24 -12.52
CA LEU B 116 3.12 -10.57 -11.25
C LEU B 116 3.12 -12.08 -11.08
N THR B 117 4.30 -12.66 -10.88
CA THR B 117 4.47 -14.09 -10.55
C THR B 117 4.74 -14.17 -9.05
N PRO B 118 3.77 -14.58 -8.21
CA PRO B 118 3.97 -14.61 -6.77
C PRO B 118 5.08 -15.59 -6.39
N VAL B 119 6.08 -15.14 -5.64
CA VAL B 119 7.17 -16.02 -5.11
C VAL B 119 6.96 -16.26 -3.62
N GLU B 120 6.35 -15.32 -2.86
CA GLU B 120 5.96 -15.55 -1.44
C GLU B 120 4.68 -14.77 -1.07
N VAL B 121 3.75 -15.39 -0.34
CA VAL B 121 2.51 -14.78 0.19
C VAL B 121 2.55 -14.87 1.72
N GLU B 122 2.53 -13.72 2.39
CA GLU B 122 2.42 -13.67 3.87
C GLU B 122 1.07 -13.06 4.23
N GLN B 123 0.22 -13.82 4.93
CA GLN B 123 -1.05 -13.32 5.52
C GLN B 123 -0.68 -12.57 6.80
N LEU B 124 -1.06 -11.30 6.93
CA LEU B 124 -0.51 -10.40 7.99
C LEU B 124 -1.52 -10.20 9.12
N LEU B 125 -2.80 -10.50 8.91
CA LEU B 125 -3.81 -10.43 10.00
C LEU B 125 -4.65 -11.72 10.00
#